data_4NKU
#
_entry.id   4NKU
#
_cell.length_a   54.020
_cell.length_b   77.090
_cell.length_c   81.830
_cell.angle_alpha   90.00
_cell.angle_beta   90.71
_cell.angle_gamma   90.00
#
_symmetry.space_group_name_H-M   'P 1 21 1'
#
loop_
_entity.id
_entity.type
_entity.pdbx_description
1 polymer 'Poly(A) RNA polymerase protein cid1'
2 polymer "5'-R(*AP*U)-3'"
3 non-polymer 'MAGNESIUM ION'
4 non-polymer 'BROMIDE ION'
5 water water
#
loop_
_entity_poly.entity_id
_entity_poly.type
_entity_poly.pdbx_seq_one_letter_code
_entity_poly.pdbx_strand_id
1 'polypeptide(L)'
;GDMSHKEFTKFCYEVYNEIKISDKEFKEKRAALDTLRLCLKRISPDAELVAFGSLESGLALKNSDMDLCVLMDSRVQSDT
IALQFYEELIAEGFEGKFLQRARIPIIKLTSDTKNGFGASFQCAIGFNNRLAIHNTLLLSSYTKLDARLKPMVLLVKHWA
KRKQINSPYFGTLSSYGYVLMVLYYLIHVIKPPVFPNLLLSPLKQEKIVDGFDVGFDDKLEDIPPSQNYSSLGSLLHGFF
RFYAYKFEPREKVVTFRRPDGYLTKQEKGWTSATEHTGSADQIIKDRYILAIEDPFEISHNVGRTVSSSGLYRIRGEFMA
ASRLLNSRSYPIPYDSLFEEA
;
A,B
2 'polyribonucleotide' AU D,H
#
loop_
_chem_comp.id
_chem_comp.type
_chem_comp.name
_chem_comp.formula
A RNA linking ADENOSINE-5'-MONOPHOSPHATE 'C10 H14 N5 O7 P'
BR non-polymer 'BROMIDE ION' 'Br -1'
MG non-polymer 'MAGNESIUM ION' 'Mg 2'
U RNA linking URIDINE-5'-MONOPHOSPHATE 'C9 H13 N2 O9 P'
#
# COMPACT_ATOMS: atom_id res chain seq x y z
N ASP A 2 -6.19 -2.12 -31.52
CA ASP A 2 -6.55 -2.28 -30.12
C ASP A 2 -7.68 -1.32 -29.74
N MET A 3 -8.90 -1.86 -29.66
CA MET A 3 -10.06 -1.07 -29.26
C MET A 3 -10.54 -1.36 -27.83
N SER A 4 -9.73 -2.12 -27.08
CA SER A 4 -10.09 -2.59 -25.75
C SER A 4 -10.26 -1.50 -24.67
N HIS A 5 -9.54 -0.39 -24.83
CA HIS A 5 -9.53 0.66 -23.81
C HIS A 5 -9.84 2.02 -24.42
N LYS A 6 -10.76 2.03 -25.38
CA LYS A 6 -11.03 3.25 -26.16
C LYS A 6 -11.40 4.44 -25.28
N GLU A 7 -12.32 4.22 -24.34
CA GLU A 7 -12.79 5.30 -23.46
C GLU A 7 -11.68 5.85 -22.54
N PHE A 8 -10.97 4.94 -21.90
CA PHE A 8 -9.88 5.32 -21.02
C PHE A 8 -8.80 6.05 -21.82
N THR A 9 -8.50 5.54 -23.02
CA THR A 9 -7.53 6.19 -23.90
C THR A 9 -7.94 7.61 -24.25
N LYS A 10 -9.19 7.81 -24.69
CA LYS A 10 -9.67 9.16 -24.96
C LYS A 10 -9.46 10.07 -23.76
N PHE A 11 -9.79 9.58 -22.57
CA PHE A 11 -9.60 10.33 -21.33
C PHE A 11 -8.11 10.62 -21.06
N CYS A 12 -7.25 9.64 -21.31
CA CYS A 12 -5.82 9.84 -21.13
C CYS A 12 -5.28 11.00 -21.98
N TYR A 13 -5.69 11.05 -23.25
CA TYR A 13 -5.20 12.09 -24.14
C TYR A 13 -5.74 13.47 -23.77
N GLU A 14 -6.96 13.51 -23.22
CA GLU A 14 -7.53 14.78 -22.71
C GLU A 14 -6.73 15.34 -21.53
N VAL A 15 -6.36 14.46 -20.60
CA VAL A 15 -5.57 14.88 -19.45
C VAL A 15 -4.15 15.27 -19.87
N TYR A 16 -3.56 14.46 -20.74
CA TYR A 16 -2.24 14.75 -21.28
C TYR A 16 -2.17 16.15 -21.87
N ASN A 17 -3.17 16.53 -22.66
CA ASN A 17 -3.14 17.85 -23.28
C ASN A 17 -3.27 18.97 -22.25
N GLU A 18 -3.85 18.68 -21.09
CA GLU A 18 -3.99 19.65 -20.00
C GLU A 18 -2.74 19.78 -19.15
N ILE A 19 -1.91 18.74 -19.08
CA ILE A 19 -0.78 18.73 -18.14
C ILE A 19 0.59 18.93 -18.80
N LYS A 20 0.67 18.74 -20.11
CA LYS A 20 1.95 18.86 -20.82
C LYS A 20 2.41 20.31 -20.85
N ILE A 21 3.71 20.54 -20.88
CA ILE A 21 4.20 21.92 -20.91
C ILE A 21 3.80 22.57 -22.24
N SER A 22 3.38 23.84 -22.19
CA SER A 22 3.00 24.58 -23.38
C SER A 22 4.23 24.95 -24.20
N ASP A 23 4.03 25.25 -25.48
CA ASP A 23 5.13 25.68 -26.34
C ASP A 23 5.63 27.05 -25.89
N LYS A 24 4.73 27.85 -25.34
CA LYS A 24 5.10 29.14 -24.78
C LYS A 24 6.04 29.00 -23.57
N GLU A 25 5.69 28.13 -22.63
CA GLU A 25 6.52 27.95 -21.44
C GLU A 25 7.85 27.32 -21.85
N PHE A 26 7.81 26.48 -22.88
CA PHE A 26 8.99 25.81 -23.37
C PHE A 26 9.96 26.85 -23.95
N LYS A 27 9.43 27.78 -24.74
CA LYS A 27 10.23 28.85 -25.34
C LYS A 27 10.84 29.76 -24.29
N GLU A 28 10.10 29.99 -23.21
CA GLU A 28 10.57 30.82 -22.11
C GLU A 28 11.75 30.18 -21.40
N LYS A 29 11.67 28.88 -21.14
CA LYS A 29 12.76 28.23 -20.46
C LYS A 29 13.99 28.12 -21.37
N ARG A 30 13.74 28.00 -22.66
CA ARG A 30 14.82 28.10 -23.65
C ARG A 30 15.55 29.44 -23.55
N ALA A 31 14.80 30.53 -23.43
CA ALA A 31 15.42 31.85 -23.34
C ALA A 31 16.18 32.02 -22.02
N ALA A 32 15.62 31.45 -20.94
CA ALA A 32 16.32 31.47 -19.66
C ALA A 32 17.67 30.77 -19.76
N LEU A 33 17.68 29.63 -20.43
CA LEU A 33 18.91 28.87 -20.63
C LEU A 33 19.92 29.71 -21.42
N ASP A 34 19.45 30.39 -22.47
CA ASP A 34 20.30 31.29 -23.25
C ASP A 34 20.93 32.38 -22.39
N THR A 35 20.12 32.95 -21.50
CA THR A 35 20.58 34.04 -20.64
C THR A 35 21.62 33.54 -19.65
N LEU A 36 21.36 32.36 -19.07
CA LEU A 36 22.29 31.80 -18.10
C LEU A 36 23.62 31.37 -18.73
N ARG A 37 23.56 30.92 -19.97
CA ARG A 37 24.75 30.48 -20.68
C ARG A 37 25.66 31.69 -20.91
N LEU A 38 25.04 32.80 -21.30
CA LEU A 38 25.81 34.03 -21.51
C LEU A 38 26.46 34.51 -20.22
N CYS A 39 25.72 34.39 -19.12
CA CYS A 39 26.28 34.74 -17.83
CA CYS A 39 26.28 34.75 -17.82
C CYS A 39 27.49 33.87 -17.47
N LEU A 40 27.40 32.57 -17.76
CA LEU A 40 28.52 31.68 -17.45
C LEU A 40 29.75 32.01 -18.29
N LYS A 41 29.54 32.36 -19.55
CA LYS A 41 30.67 32.72 -20.43
C LYS A 41 31.41 34.00 -20.01
N ARG A 42 30.76 34.82 -19.18
CA ARG A 42 31.45 35.97 -18.56
C ARG A 42 32.41 35.54 -17.46
N ILE A 43 32.25 34.31 -16.98
CA ILE A 43 33.09 33.81 -15.91
C ILE A 43 34.26 33.04 -16.50
N SER A 44 33.98 32.25 -17.53
CA SER A 44 35.01 31.41 -18.11
C SER A 44 34.62 30.99 -19.51
N PRO A 45 35.59 31.02 -20.44
CA PRO A 45 35.25 30.56 -21.79
C PRO A 45 35.26 29.04 -21.86
N ASP A 46 35.75 28.39 -20.80
CA ASP A 46 36.03 26.97 -20.83
C ASP A 46 34.96 26.14 -20.09
N ALA A 47 33.86 26.79 -19.75
CA ALA A 47 32.77 26.09 -19.07
C ALA A 47 31.55 26.14 -19.98
N GLU A 48 30.76 25.07 -20.03
CA GLU A 48 29.54 25.12 -20.82
C GLU A 48 28.34 24.81 -19.95
N LEU A 49 27.19 25.37 -20.29
CA LEU A 49 25.99 25.12 -19.52
C LEU A 49 25.10 24.19 -20.31
N VAL A 50 24.77 23.04 -19.74
CA VAL A 50 24.03 22.00 -20.45
C VAL A 50 22.72 21.69 -19.71
N ALA A 51 21.61 21.66 -20.44
CA ALA A 51 20.32 21.29 -19.86
C ALA A 51 20.20 19.77 -19.83
N PHE A 52 19.58 19.23 -18.79
CA PHE A 52 19.29 17.79 -18.76
C PHE A 52 17.91 17.59 -18.15
N GLY A 53 17.49 16.35 -17.96
CA GLY A 53 16.22 16.12 -17.31
C GLY A 53 15.05 16.37 -18.24
N SER A 54 13.87 16.51 -17.65
CA SER A 54 12.62 16.34 -18.42
C SER A 54 12.39 17.38 -19.51
N LEU A 55 12.86 18.60 -19.30
CA LEU A 55 12.73 19.62 -20.34
C LEU A 55 13.54 19.27 -21.58
N GLU A 56 14.66 18.60 -21.38
CA GLU A 56 15.54 18.25 -22.48
C GLU A 56 15.05 16.98 -23.18
N SER A 57 14.45 16.08 -22.42
CA SER A 57 13.96 14.83 -22.98
C SER A 57 12.56 14.99 -23.58
N GLY A 58 11.88 16.07 -23.21
CA GLY A 58 10.50 16.28 -23.64
C GLY A 58 9.47 15.66 -22.72
N LEU A 59 9.89 15.26 -21.52
CA LEU A 59 9.00 14.59 -20.58
C LEU A 59 8.54 15.51 -19.44
N ALA A 60 8.36 16.80 -19.74
CA ALA A 60 8.09 17.80 -18.71
C ALA A 60 6.59 18.11 -18.55
N LEU A 61 6.14 18.20 -17.30
CA LEU A 61 4.81 18.71 -17.00
C LEU A 61 4.81 20.25 -17.00
N LYS A 62 3.63 20.87 -17.07
CA LYS A 62 3.52 22.32 -16.87
C LYS A 62 4.21 22.74 -15.60
N ASN A 63 4.85 23.92 -15.63
CA ASN A 63 5.47 24.54 -14.46
C ASN A 63 6.64 23.76 -13.88
N SER A 64 7.35 23.04 -14.73
CA SER A 64 8.48 22.24 -14.24
C SER A 64 9.72 23.10 -14.02
N ASP A 65 10.62 22.62 -13.16
CA ASP A 65 11.87 23.32 -12.93
C ASP A 65 12.88 22.92 -13.99
N MET A 66 13.88 23.76 -14.22
CA MET A 66 14.93 23.44 -15.16
C MET A 66 16.05 22.73 -14.41
N ASP A 67 16.71 21.80 -15.07
CA ASP A 67 17.88 21.14 -14.49
C ASP A 67 19.05 21.38 -15.43
N LEU A 68 20.09 22.00 -14.89
CA LEU A 68 21.23 22.41 -15.68
C LEU A 68 22.50 21.94 -15.02
N CYS A 69 23.54 21.77 -15.83
CA CYS A 69 24.80 21.30 -15.33
C CYS A 69 25.90 22.13 -15.98
N VAL A 70 26.84 22.63 -15.17
CA VAL A 70 28.03 23.27 -15.70
C VAL A 70 29.13 22.24 -15.90
N LEU A 71 29.64 22.11 -17.13
CA LEU A 71 30.75 21.20 -17.44
C LEU A 71 32.04 21.96 -17.64
N MET A 72 33.15 21.43 -17.11
CA MET A 72 34.48 22.01 -17.30
C MET A 72 35.54 20.96 -17.61
N ASP A 73 36.79 21.41 -17.67
CA ASP A 73 37.99 20.55 -17.76
C ASP A 73 37.95 19.53 -18.91
N THR A 80 35.00 25.57 -7.89
CA THR A 80 35.43 26.95 -7.60
C THR A 80 34.81 27.97 -8.55
N ILE A 81 34.52 27.52 -9.77
CA ILE A 81 33.80 28.35 -10.72
C ILE A 81 32.38 28.55 -10.20
N ALA A 82 31.93 27.58 -9.38
CA ALA A 82 30.59 27.59 -8.83
C ALA A 82 30.32 28.86 -8.06
N LEU A 83 31.25 29.24 -7.18
CA LEU A 83 31.06 30.44 -6.37
C LEU A 83 31.06 31.70 -7.24
N GLN A 84 31.97 31.77 -8.19
CA GLN A 84 32.04 32.92 -9.08
C GLN A 84 30.76 33.06 -9.91
N PHE A 85 30.25 31.92 -10.38
CA PHE A 85 29.01 31.90 -11.15
C PHE A 85 27.86 32.34 -10.24
N TYR A 86 27.82 31.80 -9.03
CA TYR A 86 26.76 32.17 -8.10
C TYR A 86 26.75 33.67 -7.82
N GLU A 87 27.92 34.24 -7.59
CA GLU A 87 28.02 35.68 -7.29
C GLU A 87 27.55 36.52 -8.47
N GLU A 88 27.92 36.14 -9.69
CA GLU A 88 27.45 36.88 -10.87
C GLU A 88 25.94 36.78 -11.10
N LEU A 89 25.38 35.59 -10.88
CA LEU A 89 23.93 35.39 -11.03
C LEU A 89 23.14 36.30 -10.10
N ILE A 90 23.57 36.44 -8.85
CA ILE A 90 22.84 37.31 -7.94
C ILE A 90 23.08 38.78 -8.26
N ALA A 91 24.30 39.12 -8.67
CA ALA A 91 24.57 40.46 -9.19
C ALA A 91 23.69 40.75 -10.41
N GLU A 92 23.36 39.70 -11.16
CA GLU A 92 22.51 39.82 -12.35
C GLU A 92 21.02 39.94 -12.02
N GLY A 93 20.68 39.85 -10.74
CA GLY A 93 19.29 39.99 -10.33
C GLY A 93 18.52 38.70 -10.14
N PHE A 94 19.18 37.56 -10.31
CA PHE A 94 18.54 36.31 -9.94
C PHE A 94 18.65 36.18 -8.42
N GLU A 95 17.73 35.46 -7.80
CA GLU A 95 17.86 35.16 -6.39
C GLU A 95 18.00 33.65 -6.25
N GLY A 96 18.79 33.22 -5.28
CA GLY A 96 18.95 31.80 -5.12
C GLY A 96 19.85 31.41 -3.98
N LYS A 97 20.20 30.12 -3.92
CA LYS A 97 20.90 29.59 -2.77
C LYS A 97 22.07 28.75 -3.22
N PHE A 98 23.07 28.65 -2.36
CA PHE A 98 24.27 27.92 -2.72
C PHE A 98 25.04 27.59 -1.46
N LEU A 99 25.54 26.37 -1.37
CA LEU A 99 26.38 26.03 -0.23
C LEU A 99 27.80 25.73 -0.71
N GLN A 100 28.74 26.64 -0.46
CA GLN A 100 30.11 26.42 -0.92
C GLN A 100 30.75 25.23 -0.21
N ARG A 101 31.65 24.54 -0.90
CA ARG A 101 32.34 23.35 -0.37
C ARG A 101 31.43 22.16 -0.09
N ALA A 102 30.15 22.28 -0.43
CA ALA A 102 29.16 21.21 -0.18
C ALA A 102 29.60 19.93 -0.87
N ARG A 103 29.23 18.78 -0.32
CA ARG A 103 29.40 17.54 -1.06
C ARG A 103 28.38 17.66 -2.19
N ILE A 104 28.87 17.76 -3.43
CA ILE A 104 28.04 18.06 -4.60
C ILE A 104 27.46 19.48 -4.56
N PRO A 105 28.21 20.46 -5.08
CA PRO A 105 27.76 21.86 -5.08
C PRO A 105 26.52 22.03 -5.97
N ILE A 106 25.57 22.83 -5.51
CA ILE A 106 24.34 23.05 -6.23
C ILE A 106 23.98 24.52 -6.10
N ILE A 107 23.69 25.17 -7.22
CA ILE A 107 23.08 26.49 -7.18
C ILE A 107 21.60 26.35 -7.46
N LYS A 108 20.76 26.79 -6.53
CA LYS A 108 19.32 26.73 -6.73
C LYS A 108 18.84 28.15 -6.96
N LEU A 109 18.31 28.44 -8.14
CA LEU A 109 17.74 29.75 -8.39
C LEU A 109 16.27 29.67 -8.09
N THR A 110 15.75 30.64 -7.35
CA THR A 110 14.37 30.57 -6.88
C THR A 110 13.51 31.71 -7.41
N SER A 111 14.16 32.71 -8.00
CA SER A 111 13.45 33.85 -8.57
C SER A 111 14.32 34.67 -9.51
N ASP A 112 13.65 35.44 -10.36
CA ASP A 112 14.33 36.38 -11.24
C ASP A 112 13.67 37.75 -11.08
N THR A 113 14.50 38.77 -10.84
CA THR A 113 13.98 40.12 -10.60
C THR A 113 14.19 41.10 -11.77
N LYS A 114 15.16 40.80 -12.64
CA LYS A 114 15.52 41.71 -13.73
C LYS A 114 15.36 41.15 -15.15
N ASN A 115 15.35 39.83 -15.28
CA ASN A 115 15.47 39.18 -16.59
C ASN A 115 14.13 38.73 -17.20
N GLY A 116 13.04 39.00 -16.51
CA GLY A 116 11.72 38.69 -17.03
C GLY A 116 11.32 37.23 -17.11
N PHE A 117 11.87 36.38 -16.23
CA PHE A 117 11.54 34.96 -16.24
C PHE A 117 10.57 34.60 -15.13
N GLY A 118 10.18 35.60 -14.36
CA GLY A 118 9.13 35.42 -13.39
C GLY A 118 9.58 35.32 -11.93
N ALA A 119 8.68 35.70 -11.03
CA ALA A 119 8.93 35.57 -9.60
C ALA A 119 8.99 34.10 -9.17
N SER A 120 8.41 33.22 -9.98
CA SER A 120 8.40 31.79 -9.69
C SER A 120 9.34 31.02 -10.61
N PHE A 121 10.46 31.64 -10.97
CA PHE A 121 11.46 30.99 -11.80
C PHE A 121 12.30 30.05 -10.95
N GLN A 122 12.27 28.75 -11.26
CA GLN A 122 13.03 27.78 -10.48
C GLN A 122 13.99 26.99 -11.35
N CYS A 123 15.25 26.95 -10.93
CA CYS A 123 16.28 26.31 -11.70
C CYS A 123 17.38 25.77 -10.78
N ALA A 124 17.78 24.50 -10.98
CA ALA A 124 18.89 23.91 -10.20
C ALA A 124 20.08 23.70 -11.11
N ILE A 125 21.25 24.20 -10.69
CA ILE A 125 22.46 24.09 -11.48
C ILE A 125 23.49 23.27 -10.72
N GLY A 126 23.87 22.13 -11.28
CA GLY A 126 24.88 21.27 -10.70
C GLY A 126 26.17 21.43 -11.46
N PHE A 127 27.17 20.65 -11.05
CA PHE A 127 28.49 20.81 -11.65
C PHE A 127 29.09 19.47 -12.03
N ASN A 128 29.54 19.39 -13.28
CA ASN A 128 30.19 18.20 -13.83
C ASN A 128 29.42 16.90 -13.62
N ASN A 129 28.09 16.98 -13.76
CA ASN A 129 27.22 15.80 -13.64
C ASN A 129 26.99 15.17 -15.02
N ARG A 130 28.04 14.57 -15.59
CA ARG A 130 27.97 14.03 -16.94
C ARG A 130 27.03 12.84 -17.04
N LEU A 131 26.92 12.08 -15.95
CA LEU A 131 26.03 10.91 -15.92
C LEU A 131 24.56 11.30 -16.10
N ALA A 132 24.15 12.40 -15.48
CA ALA A 132 22.76 12.84 -15.60
C ALA A 132 22.51 13.25 -17.05
N ILE A 133 23.52 13.85 -17.68
CA ILE A 133 23.41 14.21 -19.08
C ILE A 133 23.19 12.98 -19.96
N HIS A 134 23.96 11.91 -19.71
CA HIS A 134 23.77 10.68 -20.49
C HIS A 134 22.47 9.95 -20.24
N ASN A 135 21.97 9.91 -19.00
CA ASN A 135 20.68 9.26 -18.85
CA ASN A 135 20.63 9.38 -18.70
C ASN A 135 19.56 10.10 -19.51
N THR A 136 19.75 11.40 -19.62
CA THR A 136 18.80 12.24 -20.36
C THR A 136 18.86 11.91 -21.85
N LEU A 137 20.07 11.68 -22.37
CA LEU A 137 20.24 11.27 -23.76
C LEU A 137 19.50 9.98 -24.05
N LEU A 138 19.62 9.01 -23.13
CA LEU A 138 18.92 7.74 -23.27
C LEU A 138 17.41 7.95 -23.24
N LEU A 139 16.91 8.71 -22.26
CA LEU A 139 15.47 8.96 -22.18
C LEU A 139 14.96 9.70 -23.41
N SER A 140 15.74 10.66 -23.90
CA SER A 140 15.42 11.39 -25.11
CA SER A 140 15.41 11.39 -25.11
C SER A 140 15.23 10.47 -26.31
N SER A 141 16.09 9.47 -26.44
CA SER A 141 16.04 8.56 -27.56
C SER A 141 14.78 7.72 -27.53
N TYR A 142 14.44 7.20 -26.35
CA TYR A 142 13.20 6.46 -26.21
C TYR A 142 11.96 7.30 -26.56
N THR A 143 11.98 8.58 -26.20
CA THR A 143 10.80 9.41 -26.48
C THR A 143 10.65 9.65 -27.98
N LYS A 144 11.78 9.67 -28.67
CA LYS A 144 11.79 9.80 -30.13
C LYS A 144 11.44 8.49 -30.82
N LEU A 145 11.66 7.37 -30.14
CA LEU A 145 11.35 6.05 -30.67
C LEU A 145 9.86 5.74 -30.76
N ASP A 146 9.07 6.18 -29.78
CA ASP A 146 7.67 5.80 -29.79
C ASP A 146 6.81 6.92 -29.24
N ALA A 147 5.82 7.29 -30.04
CA ALA A 147 4.96 8.42 -29.76
C ALA A 147 4.10 8.23 -28.51
N ARG A 148 3.93 6.99 -28.08
CA ARG A 148 3.09 6.72 -26.91
C ARG A 148 3.83 6.94 -25.61
N LEU A 149 5.15 7.02 -25.66
CA LEU A 149 5.95 7.12 -24.42
C LEU A 149 5.73 8.44 -23.68
N LYS A 150 5.79 9.54 -24.40
CA LYS A 150 5.63 10.85 -23.77
C LYS A 150 4.32 11.00 -22.97
N PRO A 151 3.15 10.75 -23.60
CA PRO A 151 1.95 10.89 -22.77
C PRO A 151 1.90 9.87 -21.63
N MET A 152 2.41 8.67 -21.84
CA MET A 152 2.37 7.69 -20.76
C MET A 152 3.18 8.16 -19.55
N VAL A 153 4.36 8.73 -19.82
CA VAL A 153 5.21 9.24 -18.75
C VAL A 153 4.59 10.42 -18.00
N LEU A 154 4.03 11.37 -18.74
CA LEU A 154 3.41 12.53 -18.11
C LEU A 154 2.22 12.10 -17.24
N LEU A 155 1.45 11.14 -17.70
CA LEU A 155 0.27 10.71 -16.95
C LEU A 155 0.68 10.00 -15.67
N VAL A 156 1.73 9.19 -15.76
CA VAL A 156 2.24 8.50 -14.57
C VAL A 156 2.83 9.51 -13.59
N LYS A 157 3.57 10.48 -14.10
CA LYS A 157 4.11 11.53 -13.23
C LYS A 157 3.01 12.32 -12.53
N HIS A 158 1.97 12.64 -13.28
CA HIS A 158 0.83 13.41 -12.77
C HIS A 158 0.10 12.60 -11.68
N TRP A 159 -0.15 11.34 -11.96
CA TRP A 159 -0.71 10.41 -10.99
C TRP A 159 0.15 10.31 -9.73
N ALA A 160 1.44 10.12 -9.87
CA ALA A 160 2.28 9.97 -8.68
C ALA A 160 2.23 11.24 -7.83
N LYS A 161 2.24 12.39 -8.48
CA LYS A 161 2.17 13.68 -7.78
C LYS A 161 0.84 13.80 -7.04
N ARG A 162 -0.27 13.48 -7.72
CA ARG A 162 -1.58 13.65 -7.12
C ARG A 162 -1.77 12.68 -5.95
N LYS A 163 -1.21 11.48 -6.07
CA LYS A 163 -1.34 10.50 -5.00
C LYS A 163 -0.29 10.64 -3.89
N GLN A 164 0.53 11.68 -3.96
CA GLN A 164 1.56 11.93 -2.95
C GLN A 164 2.57 10.81 -2.82
N ILE A 165 2.95 10.18 -3.93
CA ILE A 165 3.98 9.14 -3.88
C ILE A 165 5.19 9.54 -4.72
N ASN A 166 5.31 10.84 -4.95
CA ASN A 166 6.39 11.42 -5.76
C ASN A 166 7.28 12.34 -4.91
N SER A 167 7.57 11.93 -3.69
CA SER A 167 8.32 12.75 -2.74
C SER A 167 9.54 12.04 -2.14
N PRO A 168 10.68 12.10 -2.86
CA PRO A 168 11.89 11.37 -2.48
C PRO A 168 12.37 11.82 -1.09
N TYR A 169 12.18 13.11 -0.78
CA TYR A 169 12.57 13.62 0.53
C TYR A 169 11.67 13.14 1.65
N PHE A 170 10.49 12.60 1.29
CA PHE A 170 9.52 12.12 2.28
C PHE A 170 9.23 10.62 2.17
N GLY A 171 10.18 9.86 1.67
CA GLY A 171 10.06 8.41 1.69
C GLY A 171 9.42 7.76 0.47
N THR A 172 9.07 8.54 -0.55
CA THR A 172 8.62 7.90 -1.79
C THR A 172 9.63 8.11 -2.94
N LEU A 173 9.14 8.15 -4.18
CA LEU A 173 10.03 7.94 -5.34
C LEU A 173 10.17 9.19 -6.21
N SER A 174 11.38 9.46 -6.69
CA SER A 174 11.58 10.58 -7.59
C SER A 174 10.87 10.33 -8.91
N SER A 175 10.64 11.40 -9.65
CA SER A 175 9.98 11.32 -10.95
C SER A 175 10.80 10.45 -11.90
N TYR A 176 12.12 10.59 -11.83
CA TYR A 176 13.02 9.79 -12.66
C TYR A 176 12.82 8.29 -12.38
N GLY A 177 12.61 7.98 -11.10
CA GLY A 177 12.32 6.62 -10.70
C GLY A 177 11.08 6.08 -11.40
N TYR A 178 10.03 6.88 -11.48
CA TYR A 178 8.83 6.42 -12.16
C TYR A 178 9.06 6.24 -13.66
N VAL A 179 9.83 7.13 -14.27
CA VAL A 179 10.16 7.00 -15.69
C VAL A 179 10.87 5.69 -15.96
N LEU A 180 11.83 5.34 -15.12
CA LEU A 180 12.50 4.06 -15.23
C LEU A 180 11.53 2.88 -15.05
N MET A 181 10.56 3.00 -14.14
CA MET A 181 9.59 1.91 -13.97
C MET A 181 8.74 1.75 -15.22
N VAL A 182 8.41 2.87 -15.84
CA VAL A 182 7.70 2.83 -17.12
C VAL A 182 8.52 2.19 -18.24
N LEU A 183 9.75 2.64 -18.43
CA LEU A 183 10.59 2.03 -19.46
C LEU A 183 10.82 0.54 -19.21
N TYR A 184 11.02 0.16 -17.96
CA TYR A 184 11.25 -1.25 -17.68
C TYR A 184 10.06 -2.08 -18.14
N TYR A 185 8.85 -1.62 -17.80
CA TYR A 185 7.64 -2.30 -18.22
C TYR A 185 7.53 -2.39 -19.74
N LEU A 186 7.83 -1.28 -20.42
CA LEU A 186 7.65 -1.24 -21.88
C LEU A 186 8.71 -2.06 -22.63
N ILE A 187 9.86 -2.23 -22.01
CA ILE A 187 10.96 -3.00 -22.60
C ILE A 187 10.92 -4.50 -22.25
N HIS A 188 10.76 -4.80 -20.96
CA HIS A 188 11.01 -6.16 -20.49
C HIS A 188 9.78 -6.91 -20.01
N VAL A 189 8.64 -6.23 -19.85
CA VAL A 189 7.43 -6.90 -19.37
C VAL A 189 6.39 -7.12 -20.46
N ILE A 190 5.91 -6.03 -21.04
CA ILE A 190 4.84 -6.14 -22.02
C ILE A 190 5.28 -6.93 -23.26
N LYS A 191 4.37 -7.75 -23.78
CA LYS A 191 4.64 -8.56 -24.96
C LYS A 191 3.57 -8.32 -26.00
N PRO A 192 3.96 -8.02 -27.25
CA PRO A 192 5.33 -7.78 -27.76
C PRO A 192 5.89 -6.52 -27.11
N PRO A 193 7.22 -6.41 -27.00
CA PRO A 193 7.84 -5.25 -26.35
C PRO A 193 7.48 -3.98 -27.11
N VAL A 194 7.33 -2.86 -26.40
CA VAL A 194 7.11 -1.61 -27.10
C VAL A 194 8.43 -1.10 -27.65
N PHE A 195 9.51 -1.36 -26.90
CA PHE A 195 10.85 -0.88 -27.20
C PHE A 195 11.83 -2.02 -27.11
N PRO A 196 12.92 -1.96 -27.90
CA PRO A 196 14.08 -2.81 -27.61
C PRO A 196 14.85 -2.20 -26.45
N ASN A 197 15.71 -2.98 -25.81
CA ASN A 197 16.66 -2.43 -24.85
C ASN A 197 17.88 -1.89 -25.60
N LEU A 198 18.08 -0.57 -25.58
CA LEU A 198 19.14 0.05 -26.37
C LEU A 198 20.54 -0.19 -25.82
N LEU A 199 20.63 -0.48 -24.53
CA LEU A 199 21.91 -0.77 -23.89
C LEU A 199 22.40 -2.16 -24.27
N LEU A 200 21.46 -3.07 -24.52
CA LEU A 200 21.82 -4.48 -24.75
C LEU A 200 21.86 -4.85 -26.23
N SER A 201 21.57 -3.87 -27.08
CA SER A 201 21.70 -4.05 -28.52
C SER A 201 23.06 -4.60 -28.94
N PRO A 202 23.06 -5.52 -29.91
CA PRO A 202 24.35 -6.01 -30.38
C PRO A 202 25.15 -4.92 -31.10
N LEU A 203 24.51 -3.81 -31.43
CA LEU A 203 25.18 -2.69 -32.08
C LEU A 203 25.71 -1.66 -31.09
N LYS A 204 25.36 -1.81 -29.82
CA LYS A 204 25.84 -0.88 -28.79
C LYS A 204 27.35 -0.98 -28.67
N GLN A 205 27.99 0.17 -28.58
CA GLN A 205 29.42 0.21 -28.30
C GLN A 205 29.70 0.84 -26.94
N GLU A 206 30.68 0.29 -26.25
CA GLU A 206 31.05 0.78 -24.93
C GLU A 206 31.58 2.20 -25.01
N LYS A 207 31.17 3.03 -24.05
CA LYS A 207 31.69 4.38 -23.93
C LYS A 207 31.78 4.69 -22.44
N ILE A 208 33.01 4.85 -21.95
CA ILE A 208 33.21 5.01 -20.52
C ILE A 208 33.27 6.48 -20.10
N VAL A 209 32.33 6.88 -19.24
CA VAL A 209 32.30 8.24 -18.71
C VAL A 209 32.21 8.16 -17.19
N ASP A 210 33.06 8.89 -16.47
CA ASP A 210 32.99 8.90 -15.00
C ASP A 210 33.13 7.49 -14.42
N GLY A 211 33.80 6.59 -15.12
CA GLY A 211 33.93 5.22 -14.62
C GLY A 211 32.75 4.30 -14.92
N PHE A 212 31.73 4.79 -15.62
CA PHE A 212 30.62 3.94 -16.02
C PHE A 212 30.43 3.89 -17.53
N ASP A 213 29.86 2.79 -18.01
CA ASP A 213 29.56 2.62 -19.43
C ASP A 213 28.22 3.27 -19.76
N VAL A 214 28.27 4.35 -20.54
CA VAL A 214 27.06 5.06 -20.91
C VAL A 214 26.73 4.83 -22.38
N GLY A 215 27.31 3.79 -22.97
CA GLY A 215 27.06 3.48 -24.36
C GLY A 215 25.70 2.87 -24.58
N PHE A 216 25.07 3.22 -25.70
CA PHE A 216 23.85 2.55 -26.10
C PHE A 216 23.68 2.72 -27.60
N ASP A 217 22.80 1.90 -28.18
CA ASP A 217 22.49 1.94 -29.60
C ASP A 217 21.66 3.19 -29.89
N ASP A 218 22.29 4.24 -30.42
CA ASP A 218 21.62 5.55 -30.54
C ASP A 218 21.22 5.91 -31.97
N LYS A 219 21.48 5.03 -32.92
CA LYS A 219 21.08 5.28 -34.30
C LYS A 219 19.62 4.90 -34.50
N LEU A 220 18.74 5.85 -34.19
CA LEU A 220 17.31 5.56 -34.07
C LEU A 220 16.63 5.20 -35.39
N GLU A 221 17.16 5.72 -36.50
CA GLU A 221 16.57 5.48 -37.83
C GLU A 221 16.71 4.02 -38.25
N ASP A 222 17.66 3.31 -37.64
CA ASP A 222 17.84 1.89 -37.92
C ASP A 222 16.93 0.99 -37.07
N ILE A 223 16.25 1.58 -36.10
CA ILE A 223 15.33 0.83 -35.24
C ILE A 223 13.98 0.73 -35.93
N PRO A 224 13.50 -0.51 -36.15
CA PRO A 224 12.19 -0.68 -36.80
C PRO A 224 11.06 -0.25 -35.86
N PRO A 225 9.91 0.17 -36.42
CA PRO A 225 8.74 0.54 -35.61
C PRO A 225 8.35 -0.60 -34.67
N SER A 226 7.73 -0.25 -33.54
CA SER A 226 7.31 -1.23 -32.56
C SER A 226 6.34 -2.25 -33.16
N GLN A 227 6.47 -3.50 -32.74
CA GLN A 227 5.49 -4.52 -33.08
C GLN A 227 4.33 -4.57 -32.07
N ASN A 228 4.35 -3.67 -31.10
CA ASN A 228 3.24 -3.55 -30.17
C ASN A 228 2.25 -2.48 -30.63
N TYR A 229 1.00 -2.87 -30.85
CA TYR A 229 0.00 -1.92 -31.34
C TYR A 229 -1.02 -1.52 -30.28
N SER A 230 -0.66 -1.66 -29.01
CA SER A 230 -1.59 -1.33 -27.92
C SER A 230 -1.88 0.17 -27.87
N SER A 231 -3.10 0.53 -27.47
CA SER A 231 -3.43 1.93 -27.27
C SER A 231 -2.74 2.44 -26.01
N LEU A 232 -2.67 3.76 -25.85
CA LEU A 232 -2.08 4.36 -24.64
C LEU A 232 -2.79 3.84 -23.39
N GLY A 233 -4.11 3.80 -23.45
CA GLY A 233 -4.92 3.28 -22.35
C GLY A 233 -4.56 1.86 -21.96
N SER A 234 -4.42 0.98 -22.96
CA SER A 234 -4.04 -0.40 -22.67
C SER A 234 -2.64 -0.46 -22.03
N LEU A 235 -1.70 0.35 -22.52
CA LEU A 235 -0.35 0.36 -21.96
C LEU A 235 -0.40 0.76 -20.48
N LEU A 236 -1.19 1.79 -20.16
CA LEU A 236 -1.22 2.27 -18.78
C LEU A 236 -1.86 1.27 -17.83
N HIS A 237 -2.94 0.63 -18.29
CA HIS A 237 -3.62 -0.38 -17.48
C HIS A 237 -2.65 -1.51 -17.17
N GLY A 238 -1.94 -1.96 -18.19
CA GLY A 238 -0.93 -2.99 -18.02
C GLY A 238 0.19 -2.61 -17.06
N PHE A 239 0.67 -1.36 -17.16
CA PHE A 239 1.71 -0.86 -16.30
C PHE A 239 1.22 -0.88 -14.86
N PHE A 240 0.02 -0.38 -14.62
CA PHE A 240 -0.49 -0.36 -13.25
C PHE A 240 -0.60 -1.78 -12.69
N ARG A 241 -1.10 -2.70 -13.50
CA ARG A 241 -1.30 -4.08 -13.04
C ARG A 241 0.01 -4.79 -12.74
N PHE A 242 1.06 -4.49 -13.50
CA PHE A 242 2.35 -5.15 -13.29
C PHE A 242 2.92 -4.82 -11.92
N TYR A 243 2.91 -3.55 -11.58
CA TYR A 243 3.48 -3.13 -10.32
C TYR A 243 2.52 -3.33 -9.15
N ALA A 244 1.22 -3.44 -9.43
CA ALA A 244 0.26 -3.79 -8.36
C ALA A 244 0.40 -5.25 -7.94
N TYR A 245 0.50 -6.14 -8.93
CA TYR A 245 0.29 -7.57 -8.66
C TYR A 245 1.46 -8.52 -8.96
N LYS A 246 2.27 -8.18 -9.96
CA LYS A 246 3.25 -9.13 -10.49
C LYS A 246 4.67 -8.88 -10.03
N PHE A 247 5.10 -7.62 -10.08
CA PHE A 247 6.45 -7.30 -9.65
C PHE A 247 6.62 -7.61 -8.17
N GLU A 248 7.76 -8.18 -7.80
CA GLU A 248 8.01 -8.53 -6.40
C GLU A 248 9.14 -7.71 -5.83
N PRO A 249 8.82 -6.55 -5.21
CA PRO A 249 9.86 -5.61 -4.84
C PRO A 249 10.72 -6.08 -3.68
N ARG A 250 10.25 -7.08 -2.93
CA ARG A 250 11.05 -7.60 -1.83
C ARG A 250 12.24 -8.38 -2.36
N GLU A 251 12.08 -8.97 -3.53
CA GLU A 251 13.08 -9.87 -4.10
C GLU A 251 13.79 -9.33 -5.36
N LYS A 252 13.10 -8.48 -6.14
CA LYS A 252 13.58 -8.19 -7.49
C LYS A 252 14.08 -6.75 -7.67
N VAL A 253 14.89 -6.56 -8.72
CA VAL A 253 15.44 -5.26 -9.07
C VAL A 253 14.93 -4.88 -10.45
N VAL A 254 14.40 -3.66 -10.58
CA VAL A 254 14.14 -3.09 -11.89
C VAL A 254 15.50 -2.83 -12.52
N THR A 255 15.76 -3.46 -13.67
CA THR A 255 17.07 -3.36 -14.28
C THR A 255 16.99 -3.25 -15.79
N PHE A 256 17.98 -2.58 -16.37
CA PHE A 256 18.12 -2.49 -17.82
C PHE A 256 19.35 -3.25 -18.32
N ARG A 257 19.94 -4.06 -17.43
CA ARG A 257 21.20 -4.74 -17.76
C ARG A 257 21.08 -6.25 -17.97
N ARG A 258 19.85 -6.75 -18.05
CA ARG A 258 19.62 -8.19 -18.27
C ARG A 258 18.69 -8.41 -19.45
N PRO A 259 19.06 -9.34 -20.35
CA PRO A 259 18.31 -9.62 -21.58
C PRO A 259 16.84 -9.94 -21.32
N ASP A 260 16.55 -10.60 -20.20
CA ASP A 260 15.17 -10.95 -19.84
C ASP A 260 14.62 -10.10 -18.70
N GLY A 261 15.39 -9.09 -18.30
CA GLY A 261 14.98 -8.16 -17.26
C GLY A 261 14.92 -8.76 -15.87
N TYR A 262 15.56 -9.92 -15.67
CA TYR A 262 15.49 -10.62 -14.39
C TYR A 262 16.76 -10.40 -13.54
N LEU A 263 16.60 -9.86 -12.33
CA LEU A 263 17.74 -9.58 -11.45
C LEU A 263 17.27 -9.58 -10.01
N THR A 264 17.88 -10.41 -9.16
CA THR A 264 17.51 -10.46 -7.75
C THR A 264 18.29 -9.45 -6.93
N LYS A 265 17.71 -9.00 -5.81
CA LYS A 265 18.46 -8.13 -4.91
C LYS A 265 19.69 -8.86 -4.37
N GLN A 266 19.56 -10.17 -4.26
CA GLN A 266 20.63 -11.03 -3.76
C GLN A 266 21.87 -10.97 -4.66
N GLU A 267 21.64 -11.19 -5.95
CA GLU A 267 22.69 -11.24 -6.96
C GLU A 267 23.37 -9.87 -7.08
N LYS A 268 22.56 -8.83 -6.98
CA LYS A 268 23.01 -7.45 -7.10
C LYS A 268 23.76 -7.02 -5.84
N GLY A 269 23.59 -7.78 -4.76
CA GLY A 269 24.19 -7.41 -3.49
C GLY A 269 23.47 -6.24 -2.83
N TRP A 270 22.20 -6.06 -3.19
CA TRP A 270 21.38 -4.98 -2.64
C TRP A 270 20.37 -5.51 -1.61
N THR A 271 20.88 -6.01 -0.48
CA THR A 271 20.05 -6.79 0.46
C THR A 271 19.81 -6.16 1.84
N SER A 272 20.77 -5.39 2.33
CA SER A 272 20.54 -4.64 3.58
C SER A 272 20.01 -3.23 3.31
N ARG A 287 19.78 2.21 1.00
CA ARG A 287 18.45 1.62 1.21
C ARG A 287 17.90 0.89 -0.02
N TYR A 288 17.39 -0.33 0.16
CA TYR A 288 17.02 -1.17 -0.96
C TYR A 288 15.63 -1.77 -0.83
N ILE A 289 14.73 -1.07 -0.15
CA ILE A 289 13.35 -1.50 -0.03
C ILE A 289 12.67 -1.57 -1.41
N LEU A 290 12.84 -0.52 -2.21
CA LEU A 290 12.52 -0.59 -3.64
C LEU A 290 13.83 -0.44 -4.41
N ALA A 291 14.12 -1.41 -5.27
CA ALA A 291 15.40 -1.46 -5.98
C ALA A 291 15.20 -1.17 -7.47
N ILE A 292 15.75 -0.04 -7.90
CA ILE A 292 15.74 0.34 -9.30
C ILE A 292 17.15 0.74 -9.68
N GLU A 293 17.80 -0.10 -10.49
CA GLU A 293 19.21 0.09 -10.84
C GLU A 293 19.31 1.15 -11.95
N ASP A 294 20.02 2.25 -11.71
CA ASP A 294 20.18 3.25 -12.77
C ASP A 294 20.83 2.59 -13.97
N PRO A 295 20.37 2.91 -15.18
CA PRO A 295 20.85 2.13 -16.33
C PRO A 295 22.33 2.36 -16.61
N PHE A 296 22.89 3.50 -16.24
CA PHE A 296 24.31 3.76 -16.45
C PHE A 296 25.13 3.66 -15.16
N GLU A 297 24.72 4.41 -14.13
CA GLU A 297 25.38 4.35 -12.82
C GLU A 297 24.80 3.16 -12.04
N ILE A 298 25.26 1.96 -12.38
CA ILE A 298 24.64 0.72 -11.88
C ILE A 298 24.79 0.50 -10.37
N SER A 299 25.65 1.28 -9.72
CA SER A 299 25.81 1.16 -8.29
C SER A 299 24.80 2.06 -7.56
N HIS A 300 24.02 2.81 -8.31
CA HIS A 300 23.06 3.73 -7.72
C HIS A 300 21.65 3.14 -7.74
N ASN A 301 21.02 3.04 -6.58
CA ASN A 301 19.64 2.62 -6.54
C ASN A 301 18.77 3.87 -6.61
N VAL A 302 18.05 4.04 -7.71
CA VAL A 302 17.20 5.22 -7.88
C VAL A 302 16.09 5.21 -6.82
N GLY A 303 15.72 4.01 -6.37
CA GLY A 303 14.70 3.91 -5.33
C GLY A 303 15.19 3.93 -3.88
N ARG A 304 16.40 4.41 -3.63
CA ARG A 304 16.86 4.37 -2.23
C ARG A 304 16.24 5.39 -1.27
N THR A 305 15.43 6.29 -1.82
CA THR A 305 14.70 7.25 -1.00
C THR A 305 13.43 6.60 -0.45
N VAL A 306 13.04 5.45 -1.00
CA VAL A 306 11.77 4.82 -0.66
C VAL A 306 11.84 4.10 0.69
N SER A 307 10.99 4.50 1.64
CA SER A 307 10.90 3.85 2.95
C SER A 307 9.89 2.70 2.94
N SER A 308 9.90 1.87 3.99
CA SER A 308 8.96 0.76 4.10
C SER A 308 7.51 1.25 4.03
N SER A 309 7.24 2.38 4.66
CA SER A 309 5.89 2.95 4.67
C SER A 309 5.58 3.55 3.30
N GLY A 310 6.61 4.17 2.71
CA GLY A 310 6.53 4.73 1.37
C GLY A 310 6.20 3.67 0.33
N LEU A 311 6.80 2.50 0.45
CA LEU A 311 6.57 1.43 -0.53
C LEU A 311 5.15 0.88 -0.36
N TYR A 312 4.69 0.84 0.89
CA TYR A 312 3.35 0.35 1.16
C TYR A 312 2.31 1.28 0.52
N ARG A 313 2.57 2.58 0.58
CA ARG A 313 1.65 3.55 -0.02
C ARG A 313 1.70 3.49 -1.55
N ILE A 314 2.91 3.38 -2.10
CA ILE A 314 3.09 3.25 -3.56
C ILE A 314 2.36 2.00 -4.07
N ARG A 315 2.63 0.86 -3.46
CA ARG A 315 1.91 -0.36 -3.83
C ARG A 315 0.40 -0.22 -3.68
N GLY A 316 -0.05 0.45 -2.62
CA GLY A 316 -1.48 0.65 -2.40
C GLY A 316 -2.10 1.42 -3.55
N GLU A 317 -1.35 2.41 -4.05
CA GLU A 317 -1.85 3.25 -5.13
C GLU A 317 -1.89 2.53 -6.46
N PHE A 318 -0.90 1.68 -6.70
CA PHE A 318 -0.90 0.84 -7.90
C PHE A 318 -2.10 -0.10 -7.88
N MET A 319 -2.40 -0.69 -6.73
CA MET A 319 -3.58 -1.57 -6.61
C MET A 319 -4.89 -0.81 -6.85
N ALA A 320 -5.00 0.39 -6.30
CA ALA A 320 -6.21 1.19 -6.46
C ALA A 320 -6.40 1.59 -7.93
N ALA A 321 -5.31 1.94 -8.60
CA ALA A 321 -5.39 2.32 -10.01
C ALA A 321 -5.84 1.12 -10.81
N SER A 322 -5.24 -0.04 -10.51
CA SER A 322 -5.60 -1.27 -11.19
C SER A 322 -7.07 -1.61 -10.95
N ARG A 323 -7.51 -1.51 -9.69
CA ARG A 323 -8.89 -1.86 -9.34
C ARG A 323 -9.86 -1.00 -10.12
N LEU A 324 -9.59 0.30 -10.18
CA LEU A 324 -10.41 1.25 -10.94
C LEU A 324 -10.55 0.81 -12.39
N LEU A 325 -9.43 0.46 -13.02
CA LEU A 325 -9.44 0.15 -14.44
C LEU A 325 -9.94 -1.28 -14.73
N ASN A 326 -9.86 -2.16 -13.73
CA ASN A 326 -10.28 -3.55 -13.90
C ASN A 326 -11.80 -3.64 -13.90
N SER A 327 -12.45 -2.55 -13.51
CA SER A 327 -13.89 -2.54 -13.28
C SER A 327 -14.71 -2.91 -14.52
N ARG A 328 -15.58 -3.90 -14.38
CA ARG A 328 -16.46 -4.31 -15.47
C ARG A 328 -17.77 -3.52 -15.45
N SER A 329 -18.01 -2.80 -14.35
CA SER A 329 -19.15 -1.90 -14.22
C SER A 329 -19.13 -0.85 -15.34
N TYR A 330 -20.14 0.01 -15.40
CA TYR A 330 -20.18 0.98 -16.49
C TYR A 330 -20.22 2.46 -16.06
N PRO A 331 -20.09 3.38 -17.03
CA PRO A 331 -19.16 4.51 -16.89
C PRO A 331 -18.13 4.37 -15.77
N ILE A 332 -16.86 4.15 -16.14
CA ILE A 332 -15.80 4.16 -15.13
C ILE A 332 -15.37 5.60 -14.84
N PRO A 333 -15.31 5.96 -13.55
CA PRO A 333 -14.91 7.31 -13.10
C PRO A 333 -13.41 7.48 -13.21
N TYR A 334 -12.91 7.70 -14.44
CA TYR A 334 -11.48 7.77 -14.65
C TYR A 334 -10.83 8.94 -13.90
N ASP A 335 -11.62 9.98 -13.62
CA ASP A 335 -11.17 11.16 -12.89
C ASP A 335 -10.48 10.81 -11.58
N SER A 336 -10.98 9.78 -10.90
CA SER A 336 -10.47 9.41 -9.59
C SER A 336 -8.99 9.02 -9.65
N LEU A 337 -8.54 8.60 -10.83
CA LEU A 337 -7.14 8.26 -11.04
C LEU A 337 -6.23 9.43 -10.72
N PHE A 338 -6.70 10.65 -10.95
CA PHE A 338 -5.89 11.85 -10.67
C PHE A 338 -6.43 12.74 -9.55
N GLU A 339 -7.40 12.25 -8.80
CA GLU A 339 -7.87 13.00 -7.64
C GLU A 339 -6.86 12.88 -6.54
N GLU A 340 -6.68 13.95 -5.78
CA GLU A 340 -5.63 14.05 -4.77
C GLU A 340 -5.76 12.98 -3.69
N ALA A 341 -4.63 12.65 -3.06
CA ALA A 341 -4.58 11.77 -1.89
C ALA A 341 -5.14 10.38 -2.16
N MET B 3 9.23 -0.20 28.72
CA MET B 3 10.32 -0.83 29.47
C MET B 3 10.80 -2.17 28.86
N SER B 4 10.11 -3.27 29.14
CA SER B 4 10.56 -4.59 28.75
C SER B 4 10.69 -4.79 27.23
N HIS B 5 9.81 -4.13 26.48
CA HIS B 5 9.69 -4.34 25.04
C HIS B 5 9.52 -3.02 24.27
N LYS B 6 10.36 -2.03 24.59
CA LYS B 6 10.22 -0.69 24.00
C LYS B 6 10.32 -0.66 22.47
N GLU B 7 11.34 -1.33 21.94
CA GLU B 7 11.55 -1.30 20.49
C GLU B 7 10.48 -2.10 19.74
N PHE B 8 10.08 -3.23 20.28
CA PHE B 8 9.05 -4.03 19.62
C PHE B 8 7.74 -3.24 19.65
N THR B 9 7.47 -2.56 20.75
CA THR B 9 6.23 -1.77 20.84
C THR B 9 6.19 -0.67 19.78
N LYS B 10 7.33 0.00 19.62
CA LYS B 10 7.41 1.09 18.66
C LYS B 10 7.14 0.57 17.25
N PHE B 11 7.71 -0.59 16.93
CA PHE B 11 7.46 -1.24 15.66
C PHE B 11 5.97 -1.60 15.50
N CYS B 12 5.37 -2.15 16.55
CA CYS B 12 3.95 -2.51 16.49
C CYS B 12 3.07 -1.32 16.15
N TYR B 13 3.32 -0.16 16.74
CA TYR B 13 2.46 0.97 16.44
C TYR B 13 2.67 1.52 15.03
N GLU B 14 3.89 1.41 14.51
CA GLU B 14 4.17 1.79 13.13
C GLU B 14 3.38 0.91 12.16
N VAL B 15 3.40 -0.40 12.39
CA VAL B 15 2.68 -1.32 11.51
C VAL B 15 1.19 -1.08 11.65
N TYR B 16 0.74 -0.87 12.90
CA TYR B 16 -0.67 -0.60 13.16
C TYR B 16 -1.15 0.56 12.31
N ASN B 17 -0.40 1.67 12.33
CA ASN B 17 -0.82 2.85 11.57
C ASN B 17 -0.95 2.57 10.06
N GLU B 18 -0.12 1.66 9.59
CA GLU B 18 -0.07 1.26 8.18
C GLU B 18 -1.30 0.43 7.76
N ILE B 19 -1.72 -0.48 8.63
CA ILE B 19 -2.71 -1.49 8.22
C ILE B 19 -4.14 -1.18 8.67
N LYS B 20 -4.31 -0.18 9.53
CA LYS B 20 -5.62 0.15 10.06
C LYS B 20 -6.45 0.83 8.99
N ILE B 21 -7.77 0.73 9.11
CA ILE B 21 -8.64 1.39 8.14
C ILE B 21 -8.45 2.90 8.23
N SER B 22 -8.31 3.55 7.09
CA SER B 22 -8.21 5.01 7.09
C SER B 22 -9.59 5.59 7.38
N ASP B 23 -9.66 6.78 7.97
CA ASP B 23 -10.98 7.38 8.18
C ASP B 23 -11.66 7.75 6.86
N LYS B 24 -10.86 7.88 5.79
CA LYS B 24 -11.44 8.03 4.45
C LYS B 24 -12.26 6.79 4.07
N GLU B 25 -11.62 5.63 4.11
CA GLU B 25 -12.28 4.37 3.80
C GLU B 25 -13.40 4.14 4.81
N PHE B 26 -13.16 4.50 6.05
CA PHE B 26 -14.17 4.32 7.07
C PHE B 26 -15.41 5.13 6.70
N LYS B 27 -15.19 6.39 6.32
CA LYS B 27 -16.28 7.29 5.94
C LYS B 27 -17.06 6.76 4.75
N GLU B 28 -16.36 6.18 3.79
CA GLU B 28 -17.01 5.64 2.60
C GLU B 28 -17.87 4.43 2.92
N LYS B 29 -17.39 3.55 3.79
CA LYS B 29 -18.17 2.37 4.12
C LYS B 29 -19.41 2.74 4.95
N ARG B 30 -19.27 3.78 5.76
CA ARG B 30 -20.42 4.30 6.53
C ARG B 30 -21.45 4.96 5.62
N ALA B 31 -20.99 5.60 4.54
CA ALA B 31 -21.90 6.18 3.56
C ALA B 31 -22.64 5.08 2.80
N ALA B 32 -21.96 3.97 2.53
CA ALA B 32 -22.57 2.86 1.80
C ALA B 32 -23.67 2.23 2.66
N LEU B 33 -23.37 2.06 3.95
CA LEU B 33 -24.36 1.58 4.91
C LEU B 33 -25.59 2.51 4.96
N ASP B 34 -25.36 3.82 5.07
CA ASP B 34 -26.48 4.76 5.08
C ASP B 34 -27.31 4.69 3.79
N THR B 35 -26.63 4.47 2.67
CA THR B 35 -27.33 4.37 1.39
C THR B 35 -28.19 3.12 1.33
N LEU B 36 -27.62 2.00 1.77
CA LEU B 36 -28.34 0.72 1.79
C LEU B 36 -29.55 0.76 2.72
N ARG B 37 -29.41 1.49 3.83
CA ARG B 37 -30.48 1.58 4.80
C ARG B 37 -31.67 2.32 4.21
N LEU B 38 -31.39 3.38 3.47
CA LEU B 38 -32.44 4.13 2.77
C LEU B 38 -33.15 3.26 1.74
N CYS B 39 -32.40 2.39 1.08
CA CYS B 39 -32.97 1.50 0.08
CA CYS B 39 -32.97 1.50 0.08
C CYS B 39 -33.90 0.49 0.73
N LEU B 40 -33.51 0.00 1.90
CA LEU B 40 -34.35 -0.91 2.65
C LEU B 40 -35.64 -0.23 3.07
N LYS B 41 -35.52 1.03 3.47
CA LYS B 41 -36.70 1.78 3.92
C LYS B 41 -37.72 2.09 2.82
N ARG B 42 -37.30 2.05 1.56
CA ARG B 42 -38.27 2.18 0.46
C ARG B 42 -39.03 0.87 0.22
N ILE B 43 -38.49 -0.21 0.78
CA ILE B 43 -39.09 -1.54 0.69
C ILE B 43 -40.03 -1.80 1.88
N SER B 44 -39.57 -1.48 3.07
CA SER B 44 -40.35 -1.70 4.27
C SER B 44 -39.99 -0.67 5.32
N PRO B 45 -41.00 -0.07 5.94
CA PRO B 45 -40.73 0.92 6.99
C PRO B 45 -40.35 0.19 8.27
N ASP B 46 -40.66 -1.11 8.35
CA ASP B 46 -40.45 -1.85 9.59
C ASP B 46 -39.08 -2.52 9.69
N ALA B 47 -38.43 -2.73 8.56
CA ALA B 47 -37.16 -3.45 8.54
C ALA B 47 -36.00 -2.55 8.92
N GLU B 48 -35.04 -3.08 9.66
CA GLU B 48 -33.83 -2.30 9.95
C GLU B 48 -32.56 -2.98 9.45
N LEU B 49 -31.56 -2.19 9.12
CA LEU B 49 -30.32 -2.73 8.59
C LEU B 49 -29.24 -2.43 9.62
N VAL B 50 -28.62 -3.49 10.12
CA VAL B 50 -27.71 -3.43 11.26
C VAL B 50 -26.33 -3.86 10.80
N ALA B 51 -25.29 -3.08 11.09
CA ALA B 51 -23.93 -3.50 10.77
C ALA B 51 -23.39 -4.36 11.90
N PHE B 52 -22.66 -5.42 11.58
CA PHE B 52 -21.95 -6.13 12.63
C PHE B 52 -20.52 -6.44 12.18
N GLY B 53 -19.79 -7.23 12.95
CA GLY B 53 -18.42 -7.55 12.58
C GLY B 53 -17.43 -6.40 12.69
N SER B 54 -16.29 -6.52 12.00
CA SER B 54 -15.13 -5.68 12.29
C SER B 54 -15.32 -4.18 12.07
N LEU B 55 -16.08 -3.76 11.07
CA LEU B 55 -16.34 -2.33 10.91
C LEU B 55 -17.13 -1.75 12.09
N GLU B 56 -18.09 -2.52 12.58
CA GLU B 56 -18.91 -2.10 13.71
C GLU B 56 -18.10 -2.14 15.01
N SER B 57 -17.23 -3.13 15.14
CA SER B 57 -16.43 -3.24 16.36
C SER B 57 -15.20 -2.33 16.31
N GLY B 58 -14.86 -1.86 15.11
CA GLY B 58 -13.68 -1.04 14.95
C GLY B 58 -12.42 -1.88 15.03
N LEU B 59 -12.52 -3.13 14.60
CA LEU B 59 -11.37 -4.03 14.54
C LEU B 59 -11.05 -4.41 13.11
N ALA B 60 -11.13 -3.44 12.19
CA ALA B 60 -11.02 -3.75 10.77
C ALA B 60 -9.69 -3.33 10.15
N LEU B 61 -9.19 -4.16 9.25
CA LEU B 61 -8.03 -3.82 8.44
C LEU B 61 -8.48 -3.02 7.20
N LYS B 62 -7.54 -2.40 6.51
CA LYS B 62 -7.78 -1.81 5.20
C LYS B 62 -8.55 -2.78 4.30
N ASN B 63 -9.50 -2.25 3.54
CA ASN B 63 -10.25 -3.03 2.54
C ASN B 63 -10.99 -4.24 3.09
N SER B 64 -11.48 -4.14 4.32
CA SER B 64 -12.25 -5.23 4.91
C SER B 64 -13.65 -5.29 4.30
N ASP B 65 -14.28 -6.45 4.42
CA ASP B 65 -15.65 -6.61 3.94
C ASP B 65 -16.63 -6.01 4.94
N MET B 66 -17.80 -5.60 4.45
CA MET B 66 -18.90 -5.17 5.31
C MET B 66 -19.79 -6.38 5.59
N ASP B 67 -20.23 -6.51 6.83
CA ASP B 67 -21.17 -7.57 7.19
C ASP B 67 -22.40 -6.88 7.72
N LEU B 68 -23.56 -7.14 7.12
CA LEU B 68 -24.78 -6.43 7.53
C LEU B 68 -25.88 -7.44 7.74
N CYS B 69 -26.86 -7.07 8.56
CA CYS B 69 -27.97 -7.95 8.85
C CYS B 69 -29.24 -7.14 8.71
N VAL B 70 -30.23 -7.69 8.01
CA VAL B 70 -31.56 -7.07 7.96
C VAL B 70 -32.38 -7.65 9.10
N LEU B 71 -32.91 -6.79 9.96
CA LEU B 71 -33.73 -7.24 11.08
C LEU B 71 -35.20 -6.97 10.85
N MET B 72 -36.05 -7.90 11.25
CA MET B 72 -37.50 -7.69 11.25
C MET B 72 -38.15 -8.40 12.43
N ASP B 73 -39.12 -7.74 13.06
CA ASP B 73 -40.04 -8.35 14.03
C ASP B 73 -39.36 -9.22 15.10
N THR B 80 -38.93 -12.84 0.39
CA THR B 80 -40.02 -11.88 0.63
C THR B 80 -39.51 -10.44 0.50
N ILE B 81 -39.22 -9.83 1.63
CA ILE B 81 -38.55 -8.52 1.63
C ILE B 81 -37.14 -8.71 1.06
N ALA B 82 -36.52 -9.83 1.41
CA ALA B 82 -35.20 -10.20 0.91
C ALA B 82 -35.12 -10.11 -0.61
N LEU B 83 -36.05 -10.75 -1.30
CA LEU B 83 -36.05 -10.72 -2.76
C LEU B 83 -36.26 -9.30 -3.30
N GLN B 84 -37.29 -8.60 -2.82
CA GLN B 84 -37.53 -7.25 -3.33
C GLN B 84 -36.44 -6.27 -2.92
N PHE B 85 -35.78 -6.54 -1.79
CA PHE B 85 -34.60 -5.76 -1.42
C PHE B 85 -33.51 -5.97 -2.48
N TYR B 86 -33.25 -7.23 -2.80
CA TYR B 86 -32.24 -7.56 -3.80
C TYR B 86 -32.58 -6.98 -5.17
N GLU B 87 -33.80 -7.25 -5.62
CA GLU B 87 -34.26 -6.76 -6.92
C GLU B 87 -34.11 -5.25 -6.96
N GLU B 88 -34.52 -4.60 -5.87
CA GLU B 88 -34.42 -3.15 -5.78
C GLU B 88 -32.96 -2.69 -5.85
N LEU B 89 -32.09 -3.38 -5.13
CA LEU B 89 -30.67 -3.04 -5.10
C LEU B 89 -30.03 -3.11 -6.49
N ILE B 90 -30.29 -4.18 -7.23
CA ILE B 90 -29.70 -4.31 -8.56
C ILE B 90 -30.35 -3.36 -9.57
N ALA B 91 -31.67 -3.18 -9.45
CA ALA B 91 -32.37 -2.20 -10.27
C ALA B 91 -31.76 -0.83 -10.02
N GLU B 92 -31.30 -0.62 -8.79
CA GLU B 92 -30.63 0.62 -8.41
C GLU B 92 -29.23 0.68 -9.02
N GLY B 93 -28.75 -0.47 -9.50
CA GLY B 93 -27.42 -0.51 -10.10
C GLY B 93 -26.33 -0.93 -9.13
N PHE B 94 -26.66 -1.86 -8.25
CA PHE B 94 -25.63 -2.54 -7.46
C PHE B 94 -25.34 -3.84 -8.20
N GLU B 95 -24.14 -4.36 -8.02
CA GLU B 95 -23.80 -5.64 -8.62
C GLU B 95 -23.65 -6.68 -7.51
N GLY B 96 -24.30 -7.82 -7.71
CA GLY B 96 -24.19 -8.89 -6.74
C GLY B 96 -25.18 -10.00 -6.97
N LYS B 97 -25.25 -10.92 -6.03
CA LYS B 97 -26.07 -12.12 -6.20
C LYS B 97 -26.92 -12.37 -4.96
N PHE B 98 -28.13 -12.85 -5.17
CA PHE B 98 -28.97 -13.28 -4.05
C PHE B 98 -28.91 -14.79 -3.95
N LEU B 99 -28.13 -15.26 -3.00
CA LEU B 99 -28.01 -16.69 -2.72
C LEU B 99 -29.04 -17.09 -1.67
N GLN B 100 -29.85 -18.09 -1.96
CA GLN B 100 -30.77 -18.64 -0.96
C GLN B 100 -30.59 -20.15 -0.76
N ILE B 104 -30.06 -20.67 4.17
CA ILE B 104 -29.87 -19.41 4.89
C ILE B 104 -29.51 -18.29 3.92
N PRO B 105 -30.52 -17.52 3.48
CA PRO B 105 -30.36 -16.50 2.41
C PRO B 105 -29.34 -15.42 2.74
N ILE B 106 -28.63 -14.96 1.70
CA ILE B 106 -27.58 -13.94 1.84
C ILE B 106 -27.49 -13.13 0.55
N ILE B 107 -27.41 -11.81 0.66
CA ILE B 107 -27.12 -10.98 -0.50
C ILE B 107 -25.64 -10.63 -0.49
N LYS B 108 -24.92 -11.00 -1.54
CA LYS B 108 -23.51 -10.59 -1.65
C LYS B 108 -23.38 -9.49 -2.68
N LEU B 109 -22.96 -8.31 -2.25
CA LEU B 109 -22.72 -7.20 -3.17
C LEU B 109 -21.21 -7.08 -3.34
N THR B 110 -20.78 -6.77 -4.56
CA THR B 110 -19.35 -6.79 -4.88
C THR B 110 -18.85 -5.49 -5.49
N SER B 111 -19.78 -4.59 -5.81
CA SER B 111 -19.45 -3.27 -6.34
C SER B 111 -20.68 -2.36 -6.40
N PHE B 121 -15.37 -2.83 -2.48
CA PHE B 121 -16.67 -3.03 -1.87
C PHE B 121 -17.10 -4.50 -1.91
N GLN B 122 -16.97 -5.17 -0.78
CA GLN B 122 -17.55 -6.50 -0.63
C GLN B 122 -18.45 -6.49 0.60
N CYS B 123 -19.75 -6.63 0.37
CA CYS B 123 -20.70 -6.52 1.45
C CYS B 123 -21.59 -7.75 1.46
N ALA B 124 -21.68 -8.40 2.62
CA ALA B 124 -22.62 -9.51 2.78
C ALA B 124 -23.80 -9.06 3.66
N ILE B 125 -25.01 -9.27 3.17
CA ILE B 125 -26.18 -8.91 3.95
C ILE B 125 -26.96 -10.17 4.29
N GLY B 126 -27.04 -10.49 5.58
CA GLY B 126 -27.84 -11.62 6.03
C GLY B 126 -29.18 -11.18 6.60
N PHE B 127 -29.96 -12.14 7.07
CA PHE B 127 -31.31 -11.85 7.52
C PHE B 127 -31.54 -12.42 8.92
N ASN B 128 -31.82 -11.53 9.87
CA ASN B 128 -32.08 -11.91 11.26
C ASN B 128 -30.95 -12.72 11.95
N ASN B 129 -29.71 -12.26 11.80
CA ASN B 129 -28.57 -12.91 12.43
C ASN B 129 -28.27 -12.24 13.77
N ARG B 130 -29.17 -12.40 14.72
CA ARG B 130 -29.06 -11.66 15.98
C ARG B 130 -27.84 -12.06 16.80
N LEU B 131 -27.48 -13.35 16.81
CA LEU B 131 -26.29 -13.80 17.55
C LEU B 131 -25.04 -13.04 17.16
N ALA B 132 -24.83 -12.88 15.85
CA ALA B 132 -23.63 -12.21 15.36
C ALA B 132 -23.61 -10.75 15.78
N ILE B 133 -24.78 -10.14 15.84
CA ILE B 133 -24.90 -8.78 16.32
C ILE B 133 -24.48 -8.74 17.79
N HIS B 134 -24.88 -9.74 18.56
CA HIS B 134 -24.50 -9.74 19.97
C HIS B 134 -23.02 -10.09 20.21
N ASN B 135 -22.45 -11.00 19.40
CA ASN B 135 -21.01 -11.28 19.43
C ASN B 135 -20.25 -9.98 19.22
N THR B 136 -20.71 -9.19 18.27
CA THR B 136 -20.08 -7.91 17.93
C THR B 136 -20.22 -6.87 19.04
N LEU B 137 -21.37 -6.87 19.72
CA LEU B 137 -21.57 -5.99 20.86
C LEU B 137 -20.54 -6.31 21.93
N LEU B 138 -20.27 -7.59 22.11
CA LEU B 138 -19.31 -8.00 23.13
C LEU B 138 -17.92 -7.51 22.75
N LEU B 139 -17.50 -7.80 21.52
CA LEU B 139 -16.20 -7.34 21.04
C LEU B 139 -16.12 -5.83 21.05
N SER B 140 -17.22 -5.15 20.74
CA SER B 140 -17.21 -3.69 20.78
C SER B 140 -16.96 -3.14 22.17
N SER B 141 -17.57 -3.76 23.17
CA SER B 141 -17.37 -3.32 24.55
C SER B 141 -15.93 -3.45 25.01
N TYR B 142 -15.28 -4.55 24.65
CA TYR B 142 -13.89 -4.76 25.02
C TYR B 142 -13.00 -3.73 24.34
N THR B 143 -13.27 -3.37 23.10
CA THR B 143 -12.42 -2.38 22.44
CA THR B 143 -12.43 -2.39 22.42
C THR B 143 -12.54 -1.02 23.11
N LYS B 144 -13.70 -0.74 23.70
CA LYS B 144 -13.89 0.53 24.41
C LYS B 144 -13.26 0.52 25.80
N LEU B 145 -13.11 -0.66 26.37
CA LEU B 145 -12.51 -0.82 27.72
C LEU B 145 -11.01 -0.57 27.75
N ASP B 146 -10.29 -0.97 26.71
CA ASP B 146 -8.84 -0.77 26.70
C ASP B 146 -8.30 -0.49 25.29
N ALA B 147 -7.55 0.61 25.14
CA ALA B 147 -7.09 1.05 23.83
C ALA B 147 -5.98 0.18 23.24
N ARG B 148 -5.46 -0.76 24.04
CA ARG B 148 -4.41 -1.66 23.54
C ARG B 148 -5.02 -2.76 22.69
N LEU B 149 -6.31 -3.03 22.87
CA LEU B 149 -6.94 -4.18 22.21
C LEU B 149 -6.99 -4.04 20.69
N LYS B 150 -7.45 -2.89 20.20
CA LYS B 150 -7.54 -2.68 18.74
C LYS B 150 -6.23 -2.91 17.96
N PRO B 151 -5.12 -2.24 18.36
CA PRO B 151 -3.90 -2.56 17.61
C PRO B 151 -3.46 -4.02 17.77
N MET B 152 -3.65 -4.60 18.94
CA MET B 152 -3.23 -5.97 19.15
C MET B 152 -4.00 -6.88 18.22
N VAL B 153 -5.29 -6.62 18.08
CA VAL B 153 -6.13 -7.43 17.22
C VAL B 153 -5.79 -7.26 15.76
N LEU B 154 -5.64 -6.01 15.32
CA LEU B 154 -5.28 -5.77 13.92
C LEU B 154 -3.96 -6.46 13.59
N LEU B 155 -2.98 -6.33 14.48
CA LEU B 155 -1.67 -6.96 14.25
C LEU B 155 -1.75 -8.48 14.16
N VAL B 156 -2.53 -9.11 15.05
CA VAL B 156 -2.73 -10.57 15.01
C VAL B 156 -3.41 -11.02 13.72
N LYS B 157 -4.44 -10.28 13.30
CA LYS B 157 -5.14 -10.58 12.05
C LYS B 157 -4.19 -10.49 10.84
N HIS B 158 -3.36 -9.46 10.86
CA HIS B 158 -2.42 -9.16 9.79
C HIS B 158 -1.34 -10.23 9.72
N TRP B 159 -0.84 -10.64 10.87
CA TRP B 159 0.08 -11.76 10.99
C TRP B 159 -0.53 -13.07 10.49
N ALA B 160 -1.78 -13.34 10.88
CA ALA B 160 -2.42 -14.58 10.47
C ALA B 160 -2.67 -14.61 8.95
N LYS B 161 -3.03 -13.46 8.40
CA LYS B 161 -3.24 -13.34 6.96
C LYS B 161 -1.91 -13.58 6.23
N ARG B 162 -0.86 -12.92 6.70
CA ARG B 162 0.46 -12.99 6.06
C ARG B 162 1.06 -14.39 6.12
N LYS B 163 0.80 -15.09 7.22
CA LYS B 163 1.34 -16.43 7.40
C LYS B 163 0.39 -17.49 6.85
N GLN B 164 -0.67 -17.06 6.19
CA GLN B 164 -1.65 -17.97 5.58
C GLN B 164 -2.27 -18.97 6.56
N ILE B 165 -2.64 -18.49 7.75
CA ILE B 165 -3.31 -19.35 8.72
C ILE B 165 -4.69 -18.76 9.06
N ASN B 166 -5.23 -17.98 8.14
CA ASN B 166 -6.51 -17.30 8.30
C ASN B 166 -7.46 -17.69 7.17
N SER B 167 -7.48 -18.98 6.83
CA SER B 167 -8.32 -19.49 5.74
C SER B 167 -9.17 -20.63 6.24
N PRO B 168 -10.38 -20.32 6.73
CA PRO B 168 -11.23 -21.33 7.34
C PRO B 168 -11.72 -22.33 6.29
N TYR B 169 -11.74 -21.89 5.03
CA TYR B 169 -12.13 -22.76 3.94
C TYR B 169 -11.01 -23.71 3.51
N PHE B 170 -9.84 -23.55 4.12
CA PHE B 170 -8.72 -24.42 3.83
C PHE B 170 -8.01 -24.96 5.08
N GLY B 171 -8.78 -25.20 6.14
CA GLY B 171 -8.29 -25.95 7.28
C GLY B 171 -7.64 -25.13 8.40
N THR B 172 -7.59 -23.81 8.25
CA THR B 172 -7.15 -22.94 9.34
C THR B 172 -8.31 -22.14 9.99
N LEU B 173 -8.03 -20.97 10.57
CA LEU B 173 -8.97 -20.35 11.51
C LEU B 173 -9.54 -19.01 11.03
N SER B 174 -10.80 -18.72 11.37
CA SER B 174 -11.40 -17.44 10.98
C SER B 174 -10.76 -16.30 11.76
N SER B 175 -10.87 -15.09 11.23
CA SER B 175 -10.43 -13.89 11.96
C SER B 175 -11.10 -13.79 13.32
N TYR B 176 -12.39 -14.16 13.37
CA TYR B 176 -13.13 -14.14 14.62
C TYR B 176 -12.50 -15.09 15.63
N GLY B 177 -12.07 -16.26 15.15
CA GLY B 177 -11.32 -17.20 15.98
C GLY B 177 -10.09 -16.56 16.65
N TYR B 178 -9.30 -15.84 15.87
CA TYR B 178 -8.10 -15.18 16.42
C TYR B 178 -8.49 -14.11 17.44
N VAL B 179 -9.57 -13.37 17.18
CA VAL B 179 -9.99 -12.34 18.14
C VAL B 179 -10.35 -12.99 19.48
N LEU B 180 -11.05 -14.11 19.42
CA LEU B 180 -11.40 -14.83 20.64
C LEU B 180 -10.14 -15.36 21.34
N MET B 181 -9.17 -15.85 20.59
CA MET B 181 -7.91 -16.28 21.20
C MET B 181 -7.23 -15.10 21.88
N VAL B 182 -7.30 -13.93 21.26
CA VAL B 182 -6.70 -12.72 21.87
C VAL B 182 -7.42 -12.37 23.19
N LEU B 183 -8.74 -12.31 23.14
CA LEU B 183 -9.52 -12.03 24.35
C LEU B 183 -9.31 -13.04 25.46
N TYR B 184 -9.26 -14.32 25.13
CA TYR B 184 -9.10 -15.35 26.16
C TYR B 184 -7.75 -15.12 26.86
N TYR B 185 -6.73 -14.83 26.08
CA TYR B 185 -5.43 -14.53 26.67
C TYR B 185 -5.48 -13.30 27.60
N LEU B 186 -6.12 -12.23 27.13
CA LEU B 186 -6.15 -10.98 27.88
C LEU B 186 -7.03 -11.03 29.12
N ILE B 187 -7.97 -11.97 29.13
CA ILE B 187 -8.89 -12.07 30.26
C ILE B 187 -8.42 -13.11 31.25
N HIS B 188 -8.09 -14.30 30.75
CA HIS B 188 -7.87 -15.46 31.63
C HIS B 188 -6.44 -15.96 31.77
N VAL B 189 -5.52 -15.51 30.92
CA VAL B 189 -4.15 -16.03 31.01
C VAL B 189 -3.21 -15.05 31.70
N ILE B 190 -3.16 -13.83 31.15
CA ILE B 190 -2.17 -12.87 31.61
C ILE B 190 -2.49 -12.39 33.02
N LYS B 191 -1.46 -12.18 33.82
CA LYS B 191 -1.60 -11.73 35.21
C LYS B 191 -0.81 -10.44 35.41
N PRO B 192 -1.45 -9.38 35.91
CA PRO B 192 -2.89 -9.24 36.20
C PRO B 192 -3.68 -9.23 34.89
N PRO B 193 -4.98 -9.51 34.97
CA PRO B 193 -5.79 -9.49 33.73
C PRO B 193 -5.77 -8.11 33.08
N VAL B 194 -5.80 -8.06 31.75
CA VAL B 194 -6.03 -6.80 31.06
C VAL B 194 -7.51 -6.39 31.20
N PHE B 195 -8.40 -7.38 31.14
CA PHE B 195 -9.86 -7.22 31.12
C PHE B 195 -10.50 -8.13 32.14
N PRO B 196 -11.65 -7.72 32.71
CA PRO B 196 -12.45 -8.72 33.42
C PRO B 196 -13.26 -9.50 32.40
N ASN B 197 -13.83 -10.64 32.80
CA ASN B 197 -14.77 -11.32 31.95
C ASN B 197 -16.15 -10.72 32.12
N LEU B 198 -16.64 -10.06 31.07
CA LEU B 198 -17.92 -9.35 31.15
C LEU B 198 -19.14 -10.27 31.27
N LEU B 199 -18.98 -11.54 30.87
CA LEU B 199 -20.07 -12.50 31.01
C LEU B 199 -20.26 -12.95 32.46
N LEU B 200 -19.19 -12.81 33.25
CA LEU B 200 -19.15 -13.31 34.63
C LEU B 200 -19.23 -12.18 35.64
N SER B 201 -19.63 -11.00 35.18
CA SER B 201 -19.81 -9.87 36.08
C SER B 201 -21.06 -10.08 36.92
N PRO B 202 -20.98 -9.72 38.20
CA PRO B 202 -22.16 -9.81 39.07
C PRO B 202 -23.35 -9.00 38.54
N LEU B 203 -23.10 -7.98 37.71
CA LEU B 203 -24.17 -7.13 37.18
C LEU B 203 -24.73 -7.64 35.83
N LYS B 204 -24.16 -8.72 35.32
CA LYS B 204 -24.67 -9.31 34.08
C LYS B 204 -26.09 -9.80 34.27
N GLN B 205 -26.95 -9.56 33.28
CA GLN B 205 -28.31 -10.06 33.34
C GLN B 205 -28.55 -11.03 32.20
N GLU B 206 -29.37 -12.04 32.44
CA GLU B 206 -29.72 -12.99 31.41
C GLU B 206 -30.52 -12.30 30.32
N LYS B 207 -30.14 -12.53 29.07
CA LYS B 207 -30.97 -12.11 27.94
C LYS B 207 -30.95 -13.21 26.89
N ILE B 208 -32.10 -13.82 26.64
CA ILE B 208 -32.18 -14.94 25.70
C ILE B 208 -32.46 -14.47 24.29
N VAL B 209 -31.56 -14.79 23.37
CA VAL B 209 -31.75 -14.48 21.95
C VAL B 209 -31.45 -15.75 21.16
N ASP B 210 -32.42 -16.20 20.37
CA ASP B 210 -32.34 -17.47 19.65
C ASP B 210 -31.95 -18.67 20.51
N GLY B 211 -32.47 -18.73 21.72
CA GLY B 211 -32.22 -19.86 22.59
C GLY B 211 -30.88 -19.84 23.30
N PHE B 212 -30.13 -18.75 23.16
CA PHE B 212 -28.88 -18.61 23.90
C PHE B 212 -28.87 -17.35 24.74
N ASP B 213 -28.18 -17.44 25.88
CA ASP B 213 -27.98 -16.30 26.76
C ASP B 213 -26.87 -15.44 26.17
N VAL B 214 -27.19 -14.24 25.71
CA VAL B 214 -26.21 -13.33 25.15
C VAL B 214 -25.94 -12.19 26.09
N GLY B 215 -26.40 -12.31 27.33
CA GLY B 215 -26.25 -11.24 28.29
C GLY B 215 -24.80 -11.08 28.72
N PHE B 216 -24.39 -9.84 28.92
CA PHE B 216 -23.10 -9.55 29.55
C PHE B 216 -23.15 -8.15 30.13
N ASP B 217 -22.24 -7.85 31.05
CA ASP B 217 -22.16 -6.51 31.65
C ASP B 217 -21.64 -5.50 30.64
N ASP B 218 -22.55 -4.72 30.05
CA ASP B 218 -22.15 -3.74 29.04
C ASP B 218 -22.13 -2.29 29.54
N LYS B 219 -22.05 -2.12 30.85
CA LYS B 219 -21.95 -0.77 31.43
C LYS B 219 -20.53 -0.50 31.89
N LEU B 220 -19.71 -0.07 30.93
CA LEU B 220 -18.26 0.02 31.09
C LEU B 220 -17.79 1.09 32.09
N GLU B 221 -18.62 2.09 32.35
CA GLU B 221 -18.23 3.20 33.22
C GLU B 221 -17.92 2.76 34.65
N ASP B 222 -18.45 1.61 35.05
CA ASP B 222 -18.27 1.09 36.41
C ASP B 222 -17.30 -0.08 36.49
N ILE B 223 -16.59 -0.33 35.38
CA ILE B 223 -15.55 -1.36 35.35
C ILE B 223 -14.26 -0.76 35.89
N PRO B 224 -13.59 -1.47 36.81
CA PRO B 224 -12.33 -0.93 37.35
C PRO B 224 -11.26 -0.84 36.27
N PRO B 225 -10.34 0.12 36.40
CA PRO B 225 -9.23 0.27 35.44
C PRO B 225 -8.36 -0.97 35.47
N SER B 226 -7.69 -1.29 34.37
CA SER B 226 -6.81 -2.47 34.38
C SER B 226 -5.61 -2.22 35.28
N GLN B 227 -5.19 -3.25 36.01
CA GLN B 227 -3.94 -3.16 36.76
C GLN B 227 -2.80 -3.73 35.95
N ASN B 228 -3.06 -4.05 34.70
CA ASN B 228 -1.99 -4.50 33.82
C ASN B 228 -1.46 -3.32 33.02
N TYR B 229 -0.18 -3.02 33.18
CA TYR B 229 0.42 -1.87 32.51
C TYR B 229 1.37 -2.27 31.41
N SER B 230 1.23 -3.50 30.93
CA SER B 230 2.12 -3.98 29.89
C SER B 230 1.97 -3.15 28.63
N SER B 231 3.08 -2.99 27.91
CA SER B 231 3.05 -2.34 26.61
C SER B 231 2.42 -3.27 25.58
N LEU B 232 1.96 -2.70 24.47
CA LEU B 232 1.44 -3.48 23.36
C LEU B 232 2.42 -4.59 22.96
N GLY B 233 3.71 -4.29 22.97
CA GLY B 233 4.73 -5.27 22.60
C GLY B 233 4.82 -6.41 23.59
N SER B 234 4.75 -6.10 24.88
CA SER B 234 4.76 -7.16 25.89
C SER B 234 3.55 -8.07 25.75
N LEU B 235 2.40 -7.48 25.43
CA LEU B 235 1.16 -8.23 25.33
C LEU B 235 1.24 -9.22 24.19
N LEU B 236 1.67 -8.74 23.03
CA LEU B 236 1.78 -9.58 21.85
C LEU B 236 2.81 -10.67 22.06
N HIS B 237 3.93 -10.34 22.69
CA HIS B 237 4.94 -11.36 22.98
C HIS B 237 4.37 -12.47 23.84
N GLY B 238 3.67 -12.10 24.90
CA GLY B 238 3.04 -13.07 25.77
C GLY B 238 2.00 -13.92 25.06
N PHE B 239 1.22 -13.29 24.17
CA PHE B 239 0.20 -13.97 23.38
C PHE B 239 0.81 -15.06 22.50
N PHE B 240 1.88 -14.72 21.80
CA PHE B 240 2.53 -15.71 20.93
C PHE B 240 3.07 -16.86 21.75
N ARG B 241 3.68 -16.55 22.88
CA ARG B 241 4.29 -17.60 23.70
C ARG B 241 3.28 -18.52 24.38
N PHE B 242 2.14 -17.97 24.79
CA PHE B 242 1.09 -18.80 25.36
C PHE B 242 0.59 -19.85 24.37
N TYR B 243 0.23 -19.42 23.17
CA TYR B 243 -0.32 -20.37 22.20
C TYR B 243 0.78 -21.22 21.54
N ALA B 244 2.01 -20.77 21.60
CA ALA B 244 3.13 -21.57 21.13
C ALA B 244 3.41 -22.74 22.08
N TYR B 245 3.49 -22.45 23.37
CA TYR B 245 4.15 -23.37 24.30
C TYR B 245 3.32 -23.81 25.50
N LYS B 246 2.31 -23.03 25.87
CA LYS B 246 1.57 -23.28 27.11
C LYS B 246 0.18 -23.89 26.90
N PHE B 247 -0.58 -23.33 25.96
CA PHE B 247 -1.93 -23.84 25.67
C PHE B 247 -1.86 -25.25 25.09
N GLU B 248 -2.76 -26.12 25.54
CA GLU B 248 -2.76 -27.52 25.11
C GLU B 248 -4.00 -27.84 24.31
N PRO B 249 -3.92 -27.66 22.99
CA PRO B 249 -5.10 -27.82 22.12
C PRO B 249 -5.69 -29.23 22.07
N ARG B 250 -4.88 -30.23 22.41
CA ARG B 250 -5.38 -31.61 22.40
C ARG B 250 -6.34 -31.86 23.55
N GLU B 251 -6.18 -31.10 24.62
CA GLU B 251 -6.93 -31.35 25.85
C GLU B 251 -7.82 -30.20 26.30
N LYS B 252 -7.54 -28.99 25.85
CA LYS B 252 -8.21 -27.83 26.46
C LYS B 252 -9.07 -27.04 25.48
N VAL B 253 -10.05 -26.30 26.03
CA VAL B 253 -10.97 -25.48 25.25
C VAL B 253 -10.78 -24.01 25.62
N VAL B 254 -10.72 -23.13 24.63
CA VAL B 254 -10.75 -21.69 24.90
C VAL B 254 -12.20 -21.36 25.24
N THR B 255 -12.43 -20.78 26.42
CA THR B 255 -13.79 -20.55 26.89
C THR B 255 -13.89 -19.25 27.68
N PHE B 256 -15.09 -18.69 27.71
CA PHE B 256 -15.36 -17.46 28.44
C PHE B 256 -16.41 -17.70 29.52
N ARG B 257 -16.67 -18.98 29.82
CA ARG B 257 -17.72 -19.35 30.78
C ARG B 257 -17.18 -19.87 32.11
N ARG B 258 -15.88 -19.77 32.33
CA ARG B 258 -15.28 -20.27 33.56
C ARG B 258 -14.47 -19.17 34.23
N PRO B 259 -14.63 -19.04 35.57
CA PRO B 259 -13.91 -18.05 36.37
C PRO B 259 -12.40 -18.09 36.14
N ASP B 260 -11.84 -19.29 35.98
CA ASP B 260 -10.39 -19.46 35.78
C ASP B 260 -10.01 -19.75 34.33
N GLY B 261 -11.00 -19.81 33.45
CA GLY B 261 -10.75 -20.09 32.04
C GLY B 261 -10.34 -21.52 31.76
N TYR B 262 -10.52 -22.41 32.74
CA TYR B 262 -10.16 -23.81 32.62
C TYR B 262 -11.35 -24.67 32.22
N LEU B 263 -11.22 -25.39 31.11
CA LEU B 263 -12.27 -26.27 30.60
C LEU B 263 -11.61 -27.29 29.69
N THR B 264 -11.85 -28.57 29.94
CA THR B 264 -11.29 -29.64 29.11
C THR B 264 -12.26 -30.04 28.02
N LYS B 265 -11.72 -30.59 26.93
CA LYS B 265 -12.56 -31.09 25.86
C LYS B 265 -13.49 -32.19 26.37
N GLN B 266 -13.05 -32.89 27.41
CA GLN B 266 -13.85 -33.98 28.01
C GLN B 266 -15.10 -33.48 28.74
N GLU B 267 -14.94 -32.48 29.62
CA GLU B 267 -16.09 -31.86 30.29
C GLU B 267 -17.07 -31.32 29.27
N LYS B 268 -16.53 -30.87 28.15
CA LYS B 268 -17.33 -30.22 27.11
C LYS B 268 -17.99 -31.24 26.19
N GLY B 269 -17.37 -32.39 26.04
CA GLY B 269 -17.89 -33.41 25.12
C GLY B 269 -17.47 -33.13 23.69
N TRP B 270 -16.31 -32.47 23.56
CA TRP B 270 -15.77 -32.07 22.26
C TRP B 270 -14.47 -32.81 21.96
N THR B 271 -14.55 -34.11 21.73
CA THR B 271 -13.37 -34.92 21.50
C THR B 271 -13.35 -35.38 20.04
N SER B 272 -14.30 -36.25 19.72
CA SER B 272 -14.45 -36.80 18.38
C SER B 272 -15.18 -35.81 17.49
N ALA B 273 -14.91 -35.91 16.18
CA ALA B 273 -15.50 -35.00 15.19
C ALA B 273 -17.03 -35.10 15.16
N THR B 274 -17.66 -34.06 14.59
CA THR B 274 -19.12 -33.86 14.55
C THR B 274 -19.97 -34.72 15.50
N ASP B 286 -18.05 -29.19 12.88
CA ASP B 286 -17.59 -30.54 12.57
C ASP B 286 -16.43 -30.97 13.48
N ARG B 287 -15.25 -30.39 13.29
CA ARG B 287 -14.07 -30.87 14.03
C ARG B 287 -13.78 -30.13 15.34
N TYR B 288 -12.97 -30.75 16.17
CA TYR B 288 -12.59 -30.19 17.46
C TYR B 288 -11.10 -30.34 17.71
N ILE B 289 -10.31 -30.24 16.65
CA ILE B 289 -8.84 -30.24 16.73
C ILE B 289 -8.39 -29.05 17.55
N LEU B 290 -8.97 -27.89 17.22
CA LEU B 290 -8.78 -26.68 18.00
C LEU B 290 -10.14 -26.27 18.55
N ALA B 291 -10.29 -26.29 19.87
CA ALA B 291 -11.59 -26.00 20.48
C ALA B 291 -11.64 -24.58 21.02
N ILE B 292 -12.53 -23.77 20.44
CA ILE B 292 -12.78 -22.40 20.88
C ILE B 292 -14.28 -22.22 21.03
N GLU B 293 -14.76 -22.19 22.28
CA GLU B 293 -16.18 -22.09 22.55
C GLU B 293 -16.64 -20.66 22.29
N ASP B 294 -17.61 -20.48 21.39
CA ASP B 294 -18.20 -19.16 21.18
C ASP B 294 -18.79 -18.74 22.51
N PRO B 295 -18.57 -17.48 22.91
CA PRO B 295 -18.97 -17.04 24.24
C PRO B 295 -20.48 -17.11 24.49
N PHE B 296 -21.30 -17.02 23.44
CA PHE B 296 -22.76 -17.04 23.58
C PHE B 296 -23.37 -18.31 22.98
N GLU B 297 -23.05 -18.60 21.74
CA GLU B 297 -23.58 -19.81 21.09
C GLU B 297 -22.63 -20.95 21.44
N ILE B 298 -22.82 -21.52 22.62
CA ILE B 298 -21.79 -22.33 23.25
C ILE B 298 -21.64 -23.72 22.64
N SER B 299 -22.61 -24.12 21.83
CA SER B 299 -22.53 -25.39 21.11
C SER B 299 -21.70 -25.24 19.84
N HIS B 300 -21.30 -24.01 19.52
CA HIS B 300 -20.54 -23.75 18.31
C HIS B 300 -19.04 -23.66 18.59
N ASN B 301 -18.25 -24.55 17.99
CA ASN B 301 -16.80 -24.45 18.03
C ASN B 301 -16.32 -23.53 16.91
N VAL B 302 -15.84 -22.35 17.28
CA VAL B 302 -15.37 -21.39 16.29
C VAL B 302 -14.18 -21.99 15.52
N GLY B 303 -13.43 -22.87 16.17
CA GLY B 303 -12.30 -23.51 15.52
C GLY B 303 -12.65 -24.78 14.79
N ARG B 304 -13.94 -25.00 14.53
CA ARG B 304 -14.38 -26.27 13.90
C ARG B 304 -13.82 -26.47 12.48
N THR B 305 -13.36 -25.40 11.86
CA THR B 305 -12.80 -25.43 10.52
C THR B 305 -11.35 -25.89 10.49
N VAL B 306 -10.72 -25.94 11.67
CA VAL B 306 -9.30 -26.22 11.73
C VAL B 306 -9.00 -27.71 11.60
N SER B 307 -8.15 -28.08 10.64
CA SER B 307 -7.75 -29.48 10.47
C SER B 307 -6.49 -29.80 11.28
N SER B 308 -6.13 -31.07 11.35
CA SER B 308 -4.86 -31.49 11.98
C SER B 308 -3.69 -30.74 11.36
N SER B 309 -3.65 -30.66 10.04
CA SER B 309 -2.51 -30.00 9.39
C SER B 309 -2.60 -28.48 9.55
N GLY B 310 -3.81 -27.94 9.52
CA GLY B 310 -4.03 -26.54 9.80
C GLY B 310 -3.47 -26.18 11.17
N LEU B 311 -3.78 -26.99 12.17
CA LEU B 311 -3.30 -26.73 13.53
C LEU B 311 -1.77 -26.81 13.60
N TYR B 312 -1.20 -27.75 12.86
CA TYR B 312 0.26 -27.87 12.86
C TYR B 312 0.90 -26.60 12.32
N ARG B 313 0.30 -26.00 11.28
CA ARG B 313 0.87 -24.78 10.74
C ARG B 313 0.62 -23.56 11.64
N ILE B 314 -0.56 -23.50 12.25
CA ILE B 314 -0.86 -22.43 13.21
C ILE B 314 0.13 -22.50 14.36
N ARG B 315 0.23 -23.67 14.99
CA ARG B 315 1.20 -23.87 16.09
C ARG B 315 2.61 -23.54 15.66
N GLY B 316 2.97 -23.93 14.43
CA GLY B 316 4.28 -23.66 13.87
C GLY B 316 4.56 -22.17 13.76
N GLU B 317 3.54 -21.41 13.39
CA GLU B 317 3.72 -19.96 13.28
C GLU B 317 3.80 -19.28 14.65
N PHE B 318 3.05 -19.80 15.63
CA PHE B 318 3.16 -19.26 16.99
C PHE B 318 4.59 -19.44 17.51
N MET B 319 5.15 -20.62 17.28
CA MET B 319 6.50 -20.91 17.74
C MET B 319 7.54 -20.07 17.03
N ALA B 320 7.38 -19.91 15.72
CA ALA B 320 8.28 -19.07 14.93
C ALA B 320 8.26 -17.62 15.41
N ALA B 321 7.08 -17.14 15.77
CA ALA B 321 6.92 -15.78 16.26
C ALA B 321 7.61 -15.67 17.61
N SER B 322 7.37 -16.65 18.47
CA SER B 322 7.97 -16.66 19.80
C SER B 322 9.50 -16.71 19.71
N ARG B 323 10.00 -17.54 18.79
CA ARG B 323 11.44 -17.70 18.60
C ARG B 323 12.04 -16.35 18.19
N LEU B 324 11.37 -15.64 17.29
CA LEU B 324 11.83 -14.33 16.84
C LEU B 324 11.96 -13.31 17.97
N LEU B 325 10.95 -13.25 18.84
CA LEU B 325 10.94 -12.22 19.91
C LEU B 325 11.85 -12.57 21.09
N ASN B 326 12.17 -13.85 21.28
CA ASN B 326 13.07 -14.27 22.35
C ASN B 326 14.52 -14.37 21.87
N SER B 327 14.76 -13.82 20.69
CA SER B 327 16.08 -13.86 20.03
C SER B 327 17.21 -13.23 20.85
N ARG B 328 18.38 -13.85 20.81
CA ARG B 328 19.58 -13.31 21.45
C ARG B 328 20.20 -12.21 20.60
N SER B 329 19.74 -12.08 19.36
CA SER B 329 20.28 -11.09 18.43
C SER B 329 19.91 -9.67 18.83
N TYR B 330 20.74 -8.71 18.42
CA TYR B 330 20.43 -7.30 18.62
C TYR B 330 20.98 -6.45 17.48
N PRO B 331 20.10 -5.70 16.82
CA PRO B 331 18.67 -5.62 17.12
C PRO B 331 17.86 -6.77 16.50
N ILE B 332 16.65 -7.00 17.01
CA ILE B 332 15.76 -8.03 16.48
C ILE B 332 15.14 -7.53 15.17
N PRO B 333 15.09 -8.41 14.14
CA PRO B 333 14.40 -8.15 12.87
C PRO B 333 12.90 -8.37 12.95
N TYR B 334 12.17 -7.40 13.48
CA TYR B 334 10.74 -7.60 13.71
C TYR B 334 9.94 -7.81 12.43
N ASP B 335 10.41 -7.27 11.30
CA ASP B 335 9.68 -7.37 10.03
C ASP B 335 9.35 -8.80 9.60
N SER B 336 10.19 -9.76 10.00
CA SER B 336 9.97 -11.14 9.58
C SER B 336 8.67 -11.68 10.18
N LEU B 337 8.23 -11.06 11.27
CA LEU B 337 6.97 -11.40 11.90
C LEU B 337 5.83 -11.26 10.90
N PHE B 338 5.91 -10.24 10.04
CA PHE B 338 4.86 -10.02 9.05
C PHE B 338 5.24 -10.39 7.61
N GLU B 339 6.33 -11.14 7.46
CA GLU B 339 6.71 -11.64 6.13
C GLU B 339 5.81 -12.80 5.71
N GLU B 340 5.51 -12.86 4.41
CA GLU B 340 4.57 -13.83 3.84
C GLU B 340 5.00 -15.30 4.00
N ALA B 341 4.01 -16.20 3.98
CA ALA B 341 4.20 -17.65 4.10
C ALA B 341 4.82 -18.06 5.45
MG MG E . -6.91 5.62 -8.12
MG MG F . -5.80 6.14 -29.66
BR BR G . -0.94 -9.65 -13.75
MG MG H . -33.41 5.80 6.34
BR BR I . -13.79 -10.00 14.02
BR BR J . 12.67 12.58 -15.84
#